data_4TQG
#
_entry.id   4TQG
#
_cell.length_a   153.509
_cell.length_b   153.509
_cell.length_c   60.680
_cell.angle_alpha   90.000
_cell.angle_beta   90.000
_cell.angle_gamma   120.000
#
_symmetry.space_group_name_H-M   'P 63 2 2'
#
loop_
_entity.id
_entity.type
_entity.pdbx_description
1 polymer 'Putative dTDP-d-glucose 4 6-dehydratase'
2 non-polymer 'NADPH DIHYDRO-NICOTINAMIDE-ADENINE-DINUCLEOTIDE PHOSPHATE'
3 water water
#
_entity_poly.entity_id   1
_entity_poly.type   'polypeptide(L)'
_entity_poly.pdbx_seq_one_letter_code
;SQINDKTIMIFGGSGSLGNRLIETYINNNIIVNYSRDESKHWSMELKYKSDKLKNIIGDIRDFEKVQQSIMRINPDIIII
AAALKHIDRCEYEINECLDTNIKGLQNVLKVTEINRSNLSNLKAVCFVSTDKACSPVNSYGMSKAICETLVVEKSKYIKD
IKYVCVRYGNVLNSRGSIIPILENKGSDPNCDHFTLTHTSMTRFIMTLDDSVKLIEYAIINGNSGEIVIPKLNSMYIKDM
IELFADKYNKPIVITGLRSGERMYESLINDTQSMKTVPKGDYYHILPTYDPTIVTEEFYEYSSKQNILSKQELENYLNQV
NLL
;
_entity_poly.pdbx_strand_id   A
#
# COMPACT_ATOMS: atom_id res chain seq x y z
N SER A 1 -3.57 -1.12 -18.41
CA SER A 1 -4.36 -1.49 -19.59
C SER A 1 -5.70 -0.77 -19.58
N GLN A 2 -6.11 -0.29 -18.40
CA GLN A 2 -7.25 0.63 -18.32
C GLN A 2 -6.79 1.98 -17.78
N ILE A 3 -5.48 2.08 -17.54
CA ILE A 3 -4.86 3.37 -17.25
C ILE A 3 -3.98 3.74 -18.44
N ASN A 4 -4.49 4.65 -19.28
CA ASN A 4 -3.77 5.09 -20.48
C ASN A 4 -3.88 6.58 -20.66
N ASP A 5 -2.82 7.20 -21.17
CA ASP A 5 -2.81 8.62 -21.49
C ASP A 5 -3.10 9.47 -20.25
N LYS A 6 -2.56 9.04 -19.11
CA LYS A 6 -2.75 9.73 -17.83
C LYS A 6 -1.44 10.29 -17.35
N THR A 7 -1.51 11.34 -16.52
CA THR A 7 -0.35 11.76 -15.74
C THR A 7 -0.52 11.22 -14.30
N ILE A 8 0.39 10.35 -13.91
CA ILE A 8 0.30 9.66 -12.63
C ILE A 8 1.39 10.21 -11.72
N MET A 9 1.00 10.72 -10.55
CA MET A 9 1.99 11.24 -9.60
C MET A 9 2.12 10.31 -8.39
N ILE A 10 3.34 9.85 -8.11
CA ILE A 10 3.57 8.89 -7.04
C ILE A 10 4.46 9.45 -5.95
N PHE A 11 3.92 9.57 -4.74
CA PHE A 11 4.73 9.97 -3.58
C PHE A 11 5.43 8.75 -3.01
N GLY A 12 6.76 8.78 -3.02
CA GLY A 12 7.54 7.61 -2.63
C GLY A 12 7.62 6.58 -3.73
N GLY A 13 7.92 7.02 -4.96
CA GLY A 13 7.93 6.11 -6.10
C GLY A 13 9.32 5.71 -6.56
N SER A 14 10.30 5.80 -5.67
CA SER A 14 11.66 5.45 -6.03
C SER A 14 12.08 4.10 -5.46
N GLY A 15 11.15 3.45 -4.77
CA GLY A 15 11.43 2.12 -4.23
C GLY A 15 10.96 1.01 -5.15
N SER A 16 10.74 -0.17 -4.56
CA SER A 16 10.33 -1.36 -5.30
C SER A 16 8.99 -1.18 -5.98
N LEU A 17 8.02 -0.72 -5.22
CA LEU A 17 6.67 -0.56 -5.75
C LEU A 17 6.69 0.52 -6.82
N GLY A 18 7.34 1.64 -6.51
CA GLY A 18 7.44 2.75 -7.45
C GLY A 18 8.06 2.32 -8.77
N ASN A 19 9.17 1.59 -8.72
CA ASN A 19 9.82 1.17 -9.96
C ASN A 19 8.99 0.19 -10.78
N ARG A 20 8.26 -0.71 -10.11
CA ARG A 20 7.37 -1.61 -10.83
C ARG A 20 6.20 -0.86 -11.48
N LEU A 21 5.67 0.14 -10.79
CA LEU A 21 4.60 0.96 -11.34
C LEU A 21 5.10 1.68 -12.59
N ILE A 22 6.36 2.11 -12.53
CA ILE A 22 6.94 2.84 -13.65
C ILE A 22 7.12 1.90 -14.84
N GLU A 23 7.69 0.71 -14.60
CA GLU A 23 7.83 -0.27 -15.66
C GLU A 23 6.51 -0.62 -16.31
N THR A 24 5.44 -0.66 -15.52
CA THR A 24 4.13 -1.08 -15.99
C THR A 24 3.39 -0.02 -16.79
N TYR A 25 3.59 1.25 -16.44
CA TYR A 25 2.75 2.31 -17.01
C TYR A 25 3.43 3.37 -17.89
N ILE A 26 4.77 3.37 -17.89
CA ILE A 26 5.56 4.39 -18.57
C ILE A 26 5.37 4.41 -20.09
N ASN A 27 5.05 3.26 -20.68
CA ASN A 27 4.89 3.21 -22.14
C ASN A 27 3.71 4.06 -22.61
N ASN A 28 2.71 4.22 -21.73
CA ASN A 28 1.45 4.86 -22.11
C ASN A 28 1.02 6.05 -21.24
N ASN A 29 1.86 6.40 -20.28
CA ASN A 29 1.52 7.45 -19.31
C ASN A 29 2.70 8.31 -18.92
N ILE A 30 2.41 9.51 -18.42
CA ILE A 30 3.42 10.35 -17.80
C ILE A 30 3.55 9.95 -16.32
N ILE A 31 4.77 9.72 -15.86
CA ILE A 31 4.95 9.38 -14.45
C ILE A 31 5.81 10.41 -13.72
N VAL A 32 5.27 10.95 -12.63
CA VAL A 32 6.05 11.85 -11.78
C VAL A 32 6.29 11.23 -10.41
N ASN A 33 7.57 11.07 -10.06
CA ASN A 33 7.95 10.57 -8.75
C ASN A 33 8.33 11.72 -7.82
N TYR A 34 7.83 11.69 -6.59
CA TYR A 34 8.19 12.66 -5.57
C TYR A 34 8.80 11.90 -4.40
N SER A 35 10.08 12.14 -4.13
CA SER A 35 10.76 11.47 -3.01
C SER A 35 12.05 12.20 -2.67
N ARG A 36 12.70 11.80 -1.57
CA ARG A 36 13.79 12.58 -0.99
C ARG A 36 15.18 12.31 -1.58
N ASP A 37 15.44 11.07 -1.98
CA ASP A 37 16.82 10.71 -2.30
C ASP A 37 17.07 10.82 -3.80
N GLU A 38 17.84 11.83 -4.18
CA GLU A 38 18.11 12.08 -5.59
C GLU A 38 19.10 11.11 -6.23
N SER A 39 19.80 10.32 -5.42
CA SER A 39 20.67 9.26 -5.96
C SER A 39 19.82 8.23 -6.70
N LYS A 40 18.70 7.85 -6.08
CA LYS A 40 17.77 6.94 -6.73
C LYS A 40 17.09 7.58 -7.94
N HIS A 41 16.85 8.89 -7.89
CA HIS A 41 16.29 9.58 -9.06
C HIS A 41 17.25 9.43 -10.24
N TRP A 42 18.53 9.67 -9.98
CA TRP A 42 19.58 9.60 -11.00
C TRP A 42 19.61 8.20 -11.66
N SER A 43 19.76 7.17 -10.83
CA SER A 43 19.78 5.80 -11.32
C SER A 43 18.51 5.43 -12.08
N MET A 44 17.34 5.82 -11.57
CA MET A 44 16.09 5.53 -12.29
C MET A 44 16.05 6.17 -13.69
N GLU A 45 16.49 7.42 -13.79
CA GLU A 45 16.52 8.11 -15.08
C GLU A 45 17.44 7.36 -16.05
N LEU A 46 18.58 6.89 -15.55
CA LEU A 46 19.49 6.09 -16.36
C LEU A 46 18.87 4.77 -16.83
N LYS A 47 18.03 4.17 -16.01
CA LYS A 47 17.37 2.91 -16.37
C LYS A 47 16.30 3.09 -17.44
N TYR A 48 15.32 3.94 -17.17
CA TYR A 48 14.18 4.08 -18.07
C TYR A 48 14.48 4.96 -19.29
N LYS A 49 15.43 5.90 -19.13
CA LYS A 49 15.84 6.78 -20.21
C LYS A 49 14.67 7.38 -20.99
N SER A 50 13.71 7.92 -20.27
CA SER A 50 12.49 8.42 -20.89
C SER A 50 12.14 9.80 -20.33
N ASP A 51 11.72 10.70 -21.21
CA ASP A 51 11.26 12.02 -20.79
C ASP A 51 9.89 11.93 -20.11
N LYS A 52 9.29 10.76 -20.21
CA LYS A 52 7.98 10.52 -19.60
C LYS A 52 8.10 10.25 -18.09
N LEU A 53 9.33 10.11 -17.60
CA LEU A 53 9.57 9.98 -16.16
C LEU A 53 10.20 11.25 -15.61
N LYS A 54 9.54 11.88 -14.63
CA LYS A 54 10.06 13.09 -14.00
C LYS A 54 10.22 12.86 -12.51
N ASN A 55 11.34 13.30 -11.94
CA ASN A 55 11.52 13.19 -10.50
C ASN A 55 11.49 14.57 -9.87
N ILE A 56 10.80 14.67 -8.73
CA ILE A 56 10.88 15.87 -7.92
C ILE A 56 11.53 15.51 -6.58
N ILE A 57 12.53 16.29 -6.16
CA ILE A 57 13.12 16.09 -4.85
C ILE A 57 12.22 16.78 -3.83
N GLY A 58 11.81 16.05 -2.81
CA GLY A 58 10.98 16.63 -1.77
C GLY A 58 10.61 15.63 -0.69
N ASP A 59 10.28 16.15 0.48
CA ASP A 59 9.83 15.32 1.57
C ASP A 59 8.31 15.44 1.66
N ILE A 60 7.62 14.32 1.83
CA ILE A 60 6.18 14.37 1.97
C ILE A 60 5.75 15.12 3.24
N ARG A 61 6.65 15.24 4.22
CA ARG A 61 6.37 16.03 5.43
C ARG A 61 6.21 17.53 5.14
N ASP A 62 6.74 17.98 4.01
CA ASP A 62 6.91 19.41 3.73
C ASP A 62 5.68 19.91 2.96
N PHE A 63 4.70 20.45 3.68
CA PHE A 63 3.45 20.89 3.04
C PHE A 63 3.65 21.83 1.87
N GLU A 64 4.50 22.84 2.05
CA GLU A 64 4.79 23.79 0.97
C GLU A 64 5.31 23.11 -0.28
N LYS A 65 6.31 22.26 -0.13
CA LYS A 65 6.88 21.57 -1.29
C LYS A 65 5.86 20.61 -1.94
N VAL A 66 5.08 19.91 -1.12
CA VAL A 66 4.03 19.01 -1.62
C VAL A 66 2.97 19.77 -2.45
N GLN A 67 2.54 20.90 -1.91
CA GLN A 67 1.49 21.69 -2.55
C GLN A 67 1.96 22.29 -3.87
N GLN A 68 3.17 22.85 -3.86
CA GLN A 68 3.77 23.43 -5.05
C GLN A 68 3.94 22.39 -6.14
N SER A 69 4.36 21.17 -5.76
CA SER A 69 4.62 20.11 -6.72
C SER A 69 3.32 19.59 -7.33
N ILE A 70 2.31 19.32 -6.51
CA ILE A 70 1.04 18.86 -7.04
C ILE A 70 0.43 19.89 -8.00
N MET A 71 0.45 21.17 -7.62
CA MET A 71 -0.09 22.22 -8.48
C MET A 71 0.70 22.39 -9.78
N ARG A 72 2.01 22.16 -9.76
CA ARG A 72 2.80 22.20 -10.99
C ARG A 72 2.42 21.07 -11.94
N ILE A 73 2.24 19.87 -11.39
CA ILE A 73 1.99 18.69 -12.20
C ILE A 73 0.54 18.59 -12.67
N ASN A 74 -0.41 18.94 -11.80
CA ASN A 74 -1.83 18.79 -12.10
C ASN A 74 -2.15 17.38 -12.63
N PRO A 75 -1.87 16.35 -11.82
CA PRO A 75 -1.99 14.96 -12.28
C PRO A 75 -3.43 14.48 -12.38
N ASP A 76 -3.66 13.41 -13.14
CA ASP A 76 -4.97 12.77 -13.19
C ASP A 76 -5.10 11.83 -12.01
N ILE A 77 -3.98 11.25 -11.61
CA ILE A 77 -3.96 10.22 -10.57
C ILE A 77 -2.81 10.47 -9.59
N ILE A 78 -3.10 10.36 -8.29
CA ILE A 78 -2.09 10.45 -7.25
C ILE A 78 -2.04 9.13 -6.50
N ILE A 79 -0.84 8.58 -6.33
CA ILE A 79 -0.68 7.38 -5.53
C ILE A 79 0.24 7.70 -4.36
N ILE A 80 -0.19 7.42 -3.14
CA ILE A 80 0.66 7.68 -1.98
C ILE A 80 1.24 6.37 -1.44
N ALA A 81 2.57 6.26 -1.46
CA ALA A 81 3.23 5.04 -0.99
C ALA A 81 4.50 5.30 -0.20
N ALA A 82 4.65 6.49 0.36
CA ALA A 82 5.85 6.85 1.14
C ALA A 82 5.79 6.33 2.58
N ALA A 83 6.84 5.61 2.99
CA ALA A 83 6.97 5.06 4.34
C ALA A 83 8.35 4.46 4.51
N LEU A 84 8.74 4.13 5.73
CA LEU A 84 10.02 3.45 5.91
C LEU A 84 9.92 1.94 5.67
N LYS A 85 11.07 1.28 5.53
CA LYS A 85 11.14 -0.14 5.23
C LYS A 85 11.11 -0.99 6.49
N HIS A 86 12.02 -0.72 7.43
CA HIS A 86 12.12 -1.51 8.66
C HIS A 86 11.12 -1.03 9.72
N ILE A 87 9.92 -1.56 9.62
CA ILE A 87 8.74 -1.11 10.35
C ILE A 87 8.92 -1.06 11.86
N ASP A 88 9.78 -1.92 12.38
CA ASP A 88 9.95 -2.04 13.82
C ASP A 88 10.69 -0.88 14.44
N ARG A 89 11.55 -0.22 13.67
CA ARG A 89 12.28 0.92 14.24
C ARG A 89 11.38 2.17 14.42
N CYS A 90 10.15 2.14 13.91
CA CYS A 90 9.17 3.18 14.27
C CYS A 90 8.94 3.23 15.78
N GLU A 91 9.12 2.09 16.45
CA GLU A 91 8.57 1.92 17.79
C GLU A 91 9.21 2.85 18.83
N TYR A 92 10.47 3.21 18.62
CA TYR A 92 11.16 4.16 19.50
C TYR A 92 11.70 5.35 18.73
N GLU A 93 11.07 5.63 17.58
CA GLU A 93 11.30 6.83 16.79
C GLU A 93 9.93 7.23 16.26
N ILE A 94 8.95 7.27 17.16
CA ILE A 94 7.56 7.39 16.75
C ILE A 94 7.24 8.66 15.96
N ASN A 95 7.77 9.81 16.36
CA ASN A 95 7.55 11.06 15.63
C ASN A 95 7.82 10.93 14.13
N GLU A 96 8.80 10.09 13.81
CA GLU A 96 9.32 9.92 12.46
C GLU A 96 8.25 9.26 11.58
N CYS A 97 7.53 8.28 12.15
CA CYS A 97 6.46 7.61 11.40
C CYS A 97 5.14 8.38 11.42
N LEU A 98 4.87 9.09 12.51
CA LEU A 98 3.68 9.94 12.55
C LEU A 98 3.80 11.01 11.48
N ASP A 99 4.96 11.64 11.37
CA ASP A 99 5.16 12.71 10.39
C ASP A 99 5.15 12.26 8.92
N THR A 100 5.94 11.24 8.60
CA THR A 100 5.95 10.73 7.24
C THR A 100 4.59 10.15 6.86
N ASN A 101 3.97 9.37 7.73
CA ASN A 101 2.70 8.72 7.37
C ASN A 101 1.46 9.60 7.54
N ILE A 102 1.19 10.03 8.77
CA ILE A 102 -0.01 10.80 9.01
C ILE A 102 0.11 12.22 8.44
N LYS A 103 1.15 12.95 8.82
CA LYS A 103 1.28 14.32 8.36
C LYS A 103 1.52 14.39 6.83
N GLY A 104 2.39 13.51 6.31
CA GLY A 104 2.57 13.42 4.87
C GLY A 104 1.26 13.26 4.11
N LEU A 105 0.44 12.30 4.52
CA LEU A 105 -0.83 12.10 3.84
C LEU A 105 -1.79 13.26 4.05
N GLN A 106 -1.80 13.85 5.25
CA GLN A 106 -2.69 14.99 5.40
C GLN A 106 -2.21 16.22 4.57
N ASN A 107 -0.92 16.28 4.24
CA ASN A 107 -0.42 17.31 3.34
C ASN A 107 -1.01 17.12 1.92
N VAL A 108 -0.91 15.91 1.39
CA VAL A 108 -1.39 15.61 0.04
C VAL A 108 -2.90 15.78 -0.05
N LEU A 109 -3.62 15.17 0.89
CA LEU A 109 -5.06 15.28 0.97
C LEU A 109 -5.55 16.72 1.06
N LYS A 110 -4.81 17.53 1.81
CA LYS A 110 -5.23 18.92 2.00
C LYS A 110 -5.14 19.71 0.69
N VAL A 111 -4.09 19.45 -0.08
CA VAL A 111 -3.93 20.14 -1.35
C VAL A 111 -5.12 19.83 -2.25
N THR A 112 -5.58 18.58 -2.22
CA THR A 112 -6.67 18.16 -3.09
C THR A 112 -7.96 18.85 -2.70
N GLU A 113 -8.09 19.20 -1.43
CA GLU A 113 -9.26 19.97 -0.99
C GLU A 113 -9.09 21.48 -1.17
N ILE A 114 -8.13 22.10 -0.49
CA ILE A 114 -7.99 23.55 -0.52
C ILE A 114 -7.58 24.09 -1.90
N ASN A 115 -6.83 23.32 -2.66
CA ASN A 115 -6.42 23.74 -3.99
C ASN A 115 -7.17 23.04 -5.11
N ARG A 116 -8.36 22.53 -4.80
CA ARG A 116 -9.17 21.79 -5.77
C ARG A 116 -9.37 22.56 -7.08
N SER A 117 -9.60 23.86 -7.00
CA SER A 117 -9.85 24.65 -8.20
C SER A 117 -8.64 24.76 -9.14
N ASN A 118 -7.44 24.42 -8.64
CA ASN A 118 -6.25 24.48 -9.46
C ASN A 118 -5.82 23.11 -9.96
N LEU A 119 -6.60 22.10 -9.59
CA LEU A 119 -6.30 20.73 -9.96
C LEU A 119 -7.38 20.15 -10.87
N SER A 120 -7.60 20.79 -12.02
CA SER A 120 -8.67 20.40 -12.94
C SER A 120 -8.60 18.94 -13.41
N ASN A 121 -7.39 18.38 -13.48
CA ASN A 121 -7.24 17.00 -13.95
C ASN A 121 -7.51 15.89 -12.92
N LEU A 122 -7.41 16.19 -11.62
CA LEU A 122 -7.36 15.11 -10.62
C LEU A 122 -8.63 14.27 -10.59
N LYS A 123 -8.50 12.95 -10.78
CA LYS A 123 -9.68 12.09 -10.78
C LYS A 123 -9.66 11.07 -9.64
N ALA A 124 -8.47 10.61 -9.27
CA ALA A 124 -8.35 9.52 -8.32
C ALA A 124 -7.18 9.72 -7.37
N VAL A 125 -7.38 9.35 -6.12
CA VAL A 125 -6.28 9.33 -5.16
C VAL A 125 -6.23 7.96 -4.53
N CYS A 126 -5.09 7.28 -4.63
CA CYS A 126 -4.94 5.93 -4.08
C CYS A 126 -3.91 5.85 -2.96
N PHE A 127 -4.37 5.60 -1.73
CA PHE A 127 -3.44 5.42 -0.62
C PHE A 127 -3.04 3.94 -0.47
N VAL A 128 -1.74 3.67 -0.43
CA VAL A 128 -1.28 2.28 -0.29
C VAL A 128 -1.10 1.94 1.19
N SER A 129 -1.94 1.05 1.69
CA SER A 129 -1.87 0.66 3.11
C SER A 129 -1.31 -0.75 3.30
N THR A 130 -1.52 -1.30 4.49
CA THR A 130 -0.86 -2.55 4.87
C THR A 130 -1.72 -3.34 5.85
N ASP A 131 -1.58 -4.67 5.84
CA ASP A 131 -2.32 -5.52 6.77
C ASP A 131 -2.04 -5.14 8.23
N LYS A 132 -0.89 -4.49 8.47
CA LYS A 132 -0.53 -4.02 9.79
C LYS A 132 -1.48 -2.92 10.29
N ALA A 133 -2.25 -2.34 9.39
CA ALA A 133 -3.25 -1.32 9.74
C ALA A 133 -4.57 -1.91 10.26
N CYS A 134 -4.69 -3.23 10.14
CA CYS A 134 -5.90 -3.93 10.57
C CYS A 134 -5.68 -4.45 11.98
N SER A 135 -6.52 -4.01 12.91
CA SER A 135 -6.32 -4.31 14.34
C SER A 135 -4.90 -4.05 14.77
N PRO A 136 -4.38 -2.84 14.53
CA PRO A 136 -2.94 -2.62 14.63
C PRO A 136 -2.40 -2.80 16.04
N VAL A 137 -1.14 -3.24 16.15
CA VAL A 137 -0.54 -3.50 17.44
C VAL A 137 0.80 -2.81 17.58
N ASN A 138 1.22 -2.12 16.53
CA ASN A 138 2.47 -1.35 16.60
C ASN A 138 2.26 0.03 16.02
N SER A 139 3.18 0.95 16.29
CA SER A 139 3.04 2.36 15.93
C SER A 139 2.89 2.55 14.43
N TYR A 140 3.66 1.79 13.66
CA TYR A 140 3.58 1.88 12.21
C TYR A 140 2.17 1.52 11.74
N GLY A 141 1.66 0.40 12.25
CA GLY A 141 0.33 -0.04 11.86
C GLY A 141 -0.77 0.91 12.31
N MET A 142 -0.62 1.44 13.53
CA MET A 142 -1.61 2.40 14.03
C MET A 142 -1.65 3.65 13.16
N SER A 143 -0.49 4.15 12.75
CA SER A 143 -0.42 5.34 11.91
C SER A 143 -1.04 5.11 10.54
N LYS A 144 -0.84 3.93 9.98
CA LYS A 144 -1.40 3.59 8.67
C LYS A 144 -2.90 3.43 8.79
N ALA A 145 -3.33 2.83 9.91
CA ALA A 145 -4.75 2.70 10.21
C ALA A 145 -5.44 4.06 10.25
N ILE A 146 -4.75 5.06 10.80
CA ILE A 146 -5.29 6.41 10.86
C ILE A 146 -5.33 7.01 9.45
N CYS A 147 -4.27 6.74 8.69
CA CYS A 147 -4.22 7.20 7.30
C CYS A 147 -5.45 6.76 6.51
N GLU A 148 -5.84 5.50 6.65
CA GLU A 148 -7.04 5.00 5.98
C GLU A 148 -8.27 5.82 6.37
N THR A 149 -8.46 6.09 7.66
CA THR A 149 -9.62 6.88 8.06
C THR A 149 -9.60 8.29 7.46
N LEU A 150 -8.42 8.85 7.26
CA LEU A 150 -8.26 10.19 6.67
C LEU A 150 -8.71 10.17 5.21
N VAL A 151 -8.35 9.11 4.50
CA VAL A 151 -8.77 8.94 3.12
C VAL A 151 -10.29 8.77 3.07
N VAL A 152 -10.83 7.95 3.97
CA VAL A 152 -12.28 7.77 4.04
C VAL A 152 -12.96 9.08 4.37
N GLU A 153 -12.37 9.87 5.26
CA GLU A 153 -12.93 11.17 5.61
C GLU A 153 -13.03 12.12 4.41
N LYS A 154 -11.95 12.29 3.65
CA LYS A 154 -12.04 13.15 2.45
C LYS A 154 -13.11 12.68 1.48
N SER A 155 -13.25 11.36 1.37
CA SER A 155 -14.23 10.78 0.45
C SER A 155 -15.64 11.19 0.85
N LYS A 156 -15.85 11.49 2.12
CA LYS A 156 -17.19 11.92 2.56
C LYS A 156 -17.52 13.35 2.16
N TYR A 157 -16.53 14.23 2.16
CA TYR A 157 -16.75 15.67 1.97
C TYR A 157 -16.44 16.16 0.55
N ILE A 158 -15.61 15.40 -0.17
CA ILE A 158 -15.19 15.78 -1.51
C ILE A 158 -15.73 14.76 -2.50
N LYS A 159 -16.84 15.10 -3.14
CA LYS A 159 -17.61 14.13 -3.93
C LYS A 159 -17.12 13.92 -5.36
N ASP A 160 -16.29 14.82 -5.87
CA ASP A 160 -15.92 14.74 -7.28
C ASP A 160 -14.50 14.24 -7.51
N ILE A 161 -13.96 13.53 -6.52
CA ILE A 161 -12.70 12.82 -6.68
C ILE A 161 -12.88 11.46 -6.06
N LYS A 162 -12.33 10.43 -6.69
CA LYS A 162 -12.34 9.11 -6.09
C LYS A 162 -11.16 8.91 -5.13
N TYR A 163 -11.44 8.71 -3.85
CA TYR A 163 -10.42 8.42 -2.84
C TYR A 163 -10.52 6.97 -2.40
N VAL A 164 -9.49 6.17 -2.69
CA VAL A 164 -9.53 4.75 -2.34
C VAL A 164 -8.26 4.32 -1.61
N CYS A 165 -8.35 3.23 -0.85
CA CYS A 165 -7.15 2.60 -0.28
C CYS A 165 -7.04 1.18 -0.77
N VAL A 166 -5.81 0.67 -0.79
CA VAL A 166 -5.60 -0.77 -0.89
C VAL A 166 -4.83 -1.20 0.34
N ARG A 167 -5.01 -2.44 0.76
CA ARG A 167 -4.36 -2.94 1.95
C ARG A 167 -3.83 -4.30 1.59
N TYR A 168 -2.54 -4.53 1.80
CA TYR A 168 -2.05 -5.86 1.52
C TYR A 168 -0.94 -6.35 2.43
N GLY A 169 -0.54 -7.60 2.24
CA GLY A 169 0.42 -8.23 3.13
C GLY A 169 1.81 -8.10 2.58
N ASN A 170 2.67 -9.07 2.89
CA ASN A 170 4.05 -9.01 2.47
C ASN A 170 4.24 -9.35 1.01
N VAL A 171 5.12 -8.60 0.34
CA VAL A 171 5.44 -8.89 -1.05
C VAL A 171 6.78 -9.63 -1.10
N LEU A 172 6.76 -10.81 -1.70
CA LEU A 172 7.95 -11.66 -1.75
C LEU A 172 9.11 -10.98 -2.48
N ASN A 173 8.80 -10.22 -3.51
CA ASN A 173 9.80 -9.51 -4.29
C ASN A 173 10.21 -8.16 -3.71
N PHE A 194 20.66 -17.92 6.85
CA PHE A 194 19.21 -17.79 6.74
C PHE A 194 18.54 -17.51 8.09
N THR A 195 17.63 -16.55 8.11
CA THR A 195 17.04 -16.11 9.37
C THR A 195 15.54 -16.36 9.50
N LEU A 196 15.12 -16.77 10.68
CA LEU A 196 13.71 -17.04 10.96
C LEU A 196 13.24 -16.34 12.24
N THR A 197 12.17 -15.56 12.13
CA THR A 197 11.64 -14.78 13.24
C THR A 197 11.05 -15.65 14.35
N HIS A 198 10.26 -16.63 13.94
CA HIS A 198 9.53 -17.45 14.89
C HIS A 198 8.86 -18.57 14.12
N THR A 199 8.93 -19.78 14.65
CA THR A 199 8.44 -20.97 13.95
C THR A 199 6.93 -20.98 13.75
N SER A 200 6.21 -20.08 14.42
CA SER A 200 4.76 -20.08 14.33
C SER A 200 4.25 -18.97 13.42
N MET A 201 5.17 -18.11 12.98
CA MET A 201 4.78 -16.93 12.22
C MET A 201 4.19 -17.27 10.86
N THR A 202 3.04 -16.66 10.57
CA THR A 202 2.40 -16.77 9.26
C THR A 202 2.33 -15.41 8.55
N ARG A 203 2.27 -15.43 7.23
CA ARG A 203 2.11 -14.22 6.39
C ARG A 203 1.24 -14.57 5.17
N PHE A 204 0.59 -13.57 4.58
CA PHE A 204 -0.07 -13.77 3.29
C PHE A 204 0.97 -13.77 2.16
N ILE A 205 0.79 -14.61 1.15
CA ILE A 205 1.70 -14.58 -0.01
C ILE A 205 1.21 -13.73 -1.18
N MET A 206 2.01 -12.75 -1.59
CA MET A 206 1.71 -11.98 -2.78
C MET A 206 3.00 -11.47 -3.45
N THR A 207 2.93 -11.22 -4.75
CA THR A 207 4.08 -10.72 -5.48
C THR A 207 3.95 -9.24 -5.80
N LEU A 208 5.06 -8.64 -6.23
CA LEU A 208 5.10 -7.23 -6.60
C LEU A 208 4.10 -6.90 -7.71
N ASP A 209 3.92 -7.80 -8.67
CA ASP A 209 2.93 -7.59 -9.72
C ASP A 209 1.50 -7.64 -9.20
N ASP A 210 1.25 -8.50 -8.21
CA ASP A 210 -0.07 -8.52 -7.54
C ASP A 210 -0.40 -7.16 -6.92
N SER A 211 0.59 -6.55 -6.26
CA SER A 211 0.46 -5.20 -5.68
C SER A 211 -0.02 -4.19 -6.71
N VAL A 212 0.67 -4.16 -7.85
CA VAL A 212 0.34 -3.25 -8.92
C VAL A 212 -1.07 -3.47 -9.46
N LYS A 213 -1.41 -4.74 -9.69
CA LYS A 213 -2.75 -5.08 -10.19
C LYS A 213 -3.82 -4.64 -9.21
N LEU A 214 -3.54 -4.82 -7.93
CA LEU A 214 -4.44 -4.39 -6.87
C LEU A 214 -4.66 -2.90 -6.97
N ILE A 215 -3.56 -2.15 -7.10
CA ILE A 215 -3.65 -0.70 -7.21
C ILE A 215 -4.48 -0.26 -8.42
N GLU A 216 -4.23 -0.86 -9.59
CA GLU A 216 -5.02 -0.50 -10.76
C GLU A 216 -6.49 -0.87 -10.55
N TYR A 217 -6.73 -2.07 -10.05
CA TYR A 217 -8.10 -2.51 -9.82
C TYR A 217 -8.87 -1.51 -8.94
N ALA A 218 -8.22 -1.06 -7.86
CA ALA A 218 -8.87 -0.11 -6.95
C ALA A 218 -9.15 1.23 -7.62
N ILE A 219 -8.20 1.70 -8.42
CA ILE A 219 -8.38 2.98 -9.11
C ILE A 219 -9.55 2.89 -10.10
N ILE A 220 -9.60 1.79 -10.85
CA ILE A 220 -10.66 1.60 -11.85
C ILE A 220 -11.97 1.11 -11.25
N ASN A 221 -11.92 0.07 -10.41
CA ASN A 221 -13.13 -0.58 -9.95
C ASN A 221 -13.54 -0.30 -8.49
N GLY A 222 -12.64 0.28 -7.69
CA GLY A 222 -13.01 0.65 -6.33
C GLY A 222 -13.93 1.86 -6.37
N ASN A 223 -14.81 1.97 -5.37
CA ASN A 223 -15.62 3.17 -5.20
C ASN A 223 -14.98 4.11 -4.16
N SER A 224 -15.26 5.40 -4.26
CA SER A 224 -14.70 6.38 -3.33
C SER A 224 -15.06 6.01 -1.90
N GLY A 225 -14.08 6.04 -1.01
CA GLY A 225 -14.32 5.68 0.38
C GLY A 225 -14.10 4.21 0.72
N GLU A 226 -13.86 3.37 -0.28
CA GLU A 226 -13.63 1.95 0.00
C GLU A 226 -12.16 1.66 0.28
N ILE A 227 -11.95 0.54 0.99
CA ILE A 227 -10.62 0.02 1.22
C ILE A 227 -10.64 -1.34 0.54
N VAL A 228 -9.80 -1.55 -0.47
CA VAL A 228 -9.92 -2.79 -1.22
C VAL A 228 -8.81 -3.79 -0.90
N ILE A 229 -9.23 -5.06 -0.76
CA ILE A 229 -8.41 -6.09 -0.17
C ILE A 229 -8.27 -7.27 -1.12
N PRO A 230 -7.04 -7.79 -1.30
CA PRO A 230 -6.84 -8.95 -2.18
C PRO A 230 -7.09 -10.30 -1.50
N LYS A 231 -7.63 -11.25 -2.26
CA LYS A 231 -7.80 -12.63 -1.79
C LYS A 231 -6.48 -13.35 -2.01
N LEU A 232 -5.87 -13.79 -0.92
CA LEU A 232 -4.52 -14.32 -0.94
C LEU A 232 -4.42 -15.63 -0.15
N ASN A 233 -3.57 -16.55 -0.58
CA ASN A 233 -3.25 -17.69 0.25
C ASN A 233 -2.20 -17.27 1.28
N SER A 234 -1.94 -18.10 2.27
CA SER A 234 -0.92 -17.75 3.25
C SER A 234 0.01 -18.92 3.54
N MET A 235 1.10 -18.63 4.25
CA MET A 235 2.12 -19.64 4.50
C MET A 235 2.72 -19.53 5.89
N TYR A 236 3.21 -20.64 6.41
CA TYR A 236 4.14 -20.61 7.53
C TYR A 236 5.48 -20.12 7.00
N ILE A 237 5.98 -19.04 7.58
CA ILE A 237 7.28 -18.51 7.19
C ILE A 237 8.38 -19.57 7.34
N LYS A 238 8.18 -20.49 8.30
CA LYS A 238 9.14 -21.57 8.53
C LYS A 238 9.22 -22.51 7.35
N ASP A 239 8.06 -22.85 6.78
CA ASP A 239 7.97 -23.69 5.60
C ASP A 239 8.79 -23.12 4.46
N MET A 240 8.69 -21.80 4.26
CA MET A 240 9.41 -21.14 3.19
C MET A 240 10.92 -21.18 3.39
N ILE A 241 11.36 -20.77 4.57
CA ILE A 241 12.78 -20.67 4.85
C ILE A 241 13.46 -22.05 4.80
N GLU A 242 12.72 -23.08 5.24
CA GLU A 242 13.21 -24.45 5.11
C GLU A 242 13.55 -24.81 3.66
N LEU A 243 12.68 -24.40 2.73
CA LEU A 243 12.90 -24.67 1.31
C LEU A 243 14.20 -24.02 0.83
N PHE A 244 14.39 -22.74 1.15
CA PHE A 244 15.59 -22.03 0.73
C PHE A 244 16.87 -22.64 1.28
N ALA A 245 16.79 -23.29 2.43
CA ALA A 245 17.95 -23.94 3.03
C ALA A 245 18.24 -25.33 2.43
N ASP A 246 17.58 -25.65 1.32
CA ASP A 246 17.86 -26.89 0.58
C ASP A 246 18.31 -26.59 -0.84
N LYS A 247 17.64 -25.65 -1.49
CA LYS A 247 18.06 -25.19 -2.80
C LYS A 247 19.48 -24.65 -2.60
N TYR A 248 19.65 -23.92 -1.51
CA TYR A 248 20.94 -23.40 -1.10
C TYR A 248 21.34 -24.26 0.09
N PRO A 251 22.37 -22.88 6.92
CA PRO A 251 21.52 -23.26 8.03
C PRO A 251 20.61 -22.10 8.44
N ILE A 252 19.73 -22.34 9.41
CA ILE A 252 18.78 -21.32 9.84
C ILE A 252 18.97 -20.90 11.30
N VAL A 253 19.10 -19.59 11.52
CA VAL A 253 19.09 -18.99 12.85
C VAL A 253 17.67 -18.52 13.18
N ILE A 254 17.19 -18.87 14.36
CA ILE A 254 15.92 -18.35 14.84
C ILE A 254 16.13 -17.12 15.73
N THR A 255 16.00 -15.93 15.15
CA THR A 255 15.99 -14.67 15.89
C THR A 255 14.64 -14.61 16.59
N GLY A 256 14.49 -13.75 17.61
CA GLY A 256 13.20 -13.60 18.23
C GLY A 256 12.25 -12.67 17.46
N LEU A 257 11.04 -12.53 17.98
CA LEU A 257 10.10 -11.51 17.50
C LEU A 257 10.75 -10.13 17.64
N ARG A 258 10.48 -9.23 16.71
CA ARG A 258 10.92 -7.84 16.90
C ARG A 258 9.90 -7.10 17.76
N SER A 259 10.28 -5.92 18.24
CA SER A 259 9.40 -5.12 19.07
C SER A 259 8.17 -4.66 18.28
N GLY A 260 6.99 -4.99 18.79
CA GLY A 260 5.74 -4.61 18.15
C GLY A 260 5.25 -5.56 17.08
N GLU A 261 5.97 -6.66 16.87
CA GLU A 261 5.64 -7.58 15.77
C GLU A 261 4.58 -8.60 16.15
N ARG A 262 3.58 -8.81 15.30
CA ARG A 262 2.65 -9.91 15.57
C ARG A 262 2.91 -11.18 14.76
N MET A 263 2.32 -12.27 15.24
CA MET A 263 2.62 -13.61 14.78
C MET A 263 2.01 -13.86 13.41
N TYR A 264 1.02 -13.05 13.05
CA TYR A 264 0.25 -13.28 11.84
C TYR A 264 -0.15 -11.95 11.24
N GLU A 265 -0.66 -12.00 10.01
CA GLU A 265 -1.17 -10.82 9.32
C GLU A 265 -2.68 -10.91 9.31
N SER A 266 -3.35 -9.79 9.55
CA SER A 266 -4.80 -9.74 9.43
C SER A 266 -5.21 -8.72 8.37
N LEU A 267 -6.10 -9.10 7.46
CA LEU A 267 -6.48 -8.18 6.38
C LEU A 267 -7.86 -7.60 6.57
N ILE A 268 -8.74 -8.35 7.23
CA ILE A 268 -10.08 -7.88 7.58
C ILE A 268 -10.34 -8.35 9.01
N ASN A 269 -10.86 -7.46 9.87
CA ASN A 269 -11.21 -7.87 11.24
C ASN A 269 -12.72 -7.96 11.38
N ASP A 270 -13.22 -8.42 12.52
CA ASP A 270 -14.66 -8.72 12.59
C ASP A 270 -15.54 -7.50 12.50
N THR A 271 -15.04 -6.34 12.93
CA THR A 271 -15.78 -5.11 12.75
C THR A 271 -15.91 -4.74 11.26
N GLN A 272 -14.79 -4.82 10.52
CA GLN A 272 -14.81 -4.48 9.09
C GLN A 272 -15.63 -5.50 8.27
N SER A 273 -15.59 -6.75 8.72
CA SER A 273 -16.26 -7.84 8.01
C SER A 273 -17.74 -7.59 7.81
N MET A 274 -18.37 -6.87 8.75
CA MET A 274 -19.78 -6.53 8.62
C MET A 274 -20.11 -5.52 7.50
N LYS A 275 -19.08 -4.85 6.97
CA LYS A 275 -19.32 -3.92 5.85
C LYS A 275 -18.50 -4.28 4.62
N THR A 276 -18.06 -5.54 4.54
CA THR A 276 -17.20 -5.98 3.46
C THR A 276 -18.01 -6.67 2.35
N VAL A 277 -17.96 -6.13 1.14
CA VAL A 277 -18.59 -6.73 -0.03
C VAL A 277 -17.53 -7.54 -0.79
N PRO A 278 -17.69 -8.88 -0.84
CA PRO A 278 -16.77 -9.70 -1.62
C PRO A 278 -17.06 -9.63 -3.12
N LYS A 279 -16.03 -9.41 -3.93
CA LYS A 279 -16.21 -9.39 -5.38
C LYS A 279 -15.15 -10.26 -6.03
N GLY A 280 -15.20 -11.56 -5.74
CA GLY A 280 -14.29 -12.50 -6.36
C GLY A 280 -12.88 -12.37 -5.83
N ASP A 281 -11.96 -11.87 -6.66
CA ASP A 281 -10.55 -11.80 -6.30
C ASP A 281 -10.22 -10.68 -5.32
N TYR A 282 -11.18 -9.80 -5.07
CA TYR A 282 -10.97 -8.66 -4.17
C TYR A 282 -12.18 -8.46 -3.26
N TYR A 283 -11.94 -7.94 -2.06
CA TYR A 283 -13.04 -7.55 -1.16
C TYR A 283 -13.07 -6.06 -0.98
N HIS A 284 -14.26 -5.48 -0.97
CA HIS A 284 -14.40 -4.03 -0.86
C HIS A 284 -14.98 -3.68 0.52
N ILE A 285 -14.17 -3.08 1.39
CA ILE A 285 -14.69 -2.64 2.68
C ILE A 285 -15.42 -1.33 2.45
N LEU A 286 -16.73 -1.32 2.66
CA LEU A 286 -17.52 -0.10 2.45
C LEU A 286 -17.11 0.95 3.47
N PRO A 287 -17.21 2.24 3.09
CA PRO A 287 -16.85 3.33 4.00
C PRO A 287 -17.71 3.33 5.25
N THR A 288 -17.12 3.71 6.39
CA THR A 288 -17.83 3.72 7.67
C THR A 288 -19.13 4.53 7.66
N TYR A 289 -19.20 5.59 6.88
CA TYR A 289 -20.40 6.42 6.80
C TYR A 289 -21.55 5.82 5.98
N ASP A 290 -21.27 4.69 5.32
CA ASP A 290 -22.30 3.92 4.64
C ASP A 290 -23.05 3.08 5.69
N PRO A 291 -24.37 3.31 5.81
CA PRO A 291 -25.19 2.63 6.84
C PRO A 291 -25.42 1.14 6.56
N THR A 292 -25.07 0.70 5.35
CA THR A 292 -25.32 -0.66 4.89
C THR A 292 -24.63 -1.70 5.75
N ILE A 293 -25.41 -2.67 6.23
CA ILE A 293 -24.88 -3.83 6.94
C ILE A 293 -24.89 -5.00 5.98
N VAL A 294 -23.71 -5.49 5.62
CA VAL A 294 -23.61 -6.57 4.64
C VAL A 294 -23.95 -7.91 5.29
N THR A 295 -23.34 -8.17 6.44
CA THR A 295 -23.63 -9.39 7.18
C THR A 295 -23.48 -9.13 8.68
N GLU A 296 -24.16 -9.94 9.50
CA GLU A 296 -23.94 -9.89 10.94
C GLU A 296 -23.22 -11.15 11.36
N GLU A 297 -22.94 -12.00 10.38
CA GLU A 297 -22.09 -13.15 10.57
C GLU A 297 -20.63 -12.73 10.41
N PHE A 298 -20.11 -12.06 11.43
CA PHE A 298 -18.78 -11.48 11.38
C PHE A 298 -17.70 -12.55 11.23
N TYR A 299 -16.57 -12.15 10.64
CA TYR A 299 -15.47 -13.08 10.47
C TYR A 299 -14.16 -12.31 10.55
N GLU A 300 -13.05 -13.03 10.63
CA GLU A 300 -11.74 -12.44 10.50
C GLU A 300 -11.06 -13.04 9.25
N TYR A 301 -10.29 -12.24 8.53
CA TYR A 301 -9.55 -12.73 7.38
C TYR A 301 -8.07 -12.55 7.69
N SER A 302 -7.41 -13.65 8.04
CA SER A 302 -6.03 -13.58 8.52
C SER A 302 -5.16 -14.71 7.98
N SER A 303 -3.85 -14.59 8.18
CA SER A 303 -2.90 -15.51 7.60
C SER A 303 -2.80 -16.81 8.38
N LYS A 304 -3.57 -16.92 9.46
CA LYS A 304 -3.60 -18.11 10.29
C LYS A 304 -4.58 -19.14 9.72
N GLN A 305 -5.35 -18.73 8.73
CA GLN A 305 -6.30 -19.64 8.11
C GLN A 305 -5.97 -19.88 6.64
N ASN A 306 -6.46 -21.01 6.11
CA ASN A 306 -6.21 -21.40 4.72
C ASN A 306 -4.73 -21.42 4.40
N ILE A 307 -3.94 -22.10 5.22
CA ILE A 307 -2.49 -22.09 5.07
C ILE A 307 -2.01 -23.20 4.13
N LEU A 308 -1.19 -22.81 3.17
CA LEU A 308 -0.58 -23.74 2.24
C LEU A 308 0.26 -24.79 2.97
N SER A 309 0.24 -26.01 2.45
CA SER A 309 1.14 -27.05 2.92
C SER A 309 2.52 -26.66 2.44
N LYS A 310 3.56 -27.28 3.00
CA LYS A 310 4.91 -27.03 2.50
C LYS A 310 4.97 -27.41 1.03
N GLN A 311 4.29 -28.51 0.70
CA GLN A 311 4.20 -29.02 -0.66
C GLN A 311 3.63 -27.96 -1.58
N GLU A 312 2.49 -27.38 -1.17
CA GLU A 312 1.80 -26.40 -1.97
C GLU A 312 2.63 -25.12 -2.12
N LEU A 313 3.30 -24.72 -1.03
CA LEU A 313 4.15 -23.54 -1.07
C LEU A 313 5.32 -23.73 -2.04
N GLU A 314 5.88 -24.93 -2.07
CA GLU A 314 7.01 -25.21 -2.94
C GLU A 314 6.62 -25.07 -4.41
N ASN A 315 5.47 -25.63 -4.75
CA ASN A 315 4.93 -25.51 -6.10
C ASN A 315 4.66 -24.05 -6.52
N TYR A 316 4.23 -23.23 -5.56
CA TYR A 316 3.92 -21.82 -5.84
C TYR A 316 5.19 -21.00 -6.05
N LEU A 317 6.15 -21.18 -5.16
CA LEU A 317 7.41 -20.46 -5.26
C LEU A 317 8.11 -20.84 -6.57
N ASN A 318 7.98 -22.10 -6.95
CA ASN A 318 8.54 -22.60 -8.20
C ASN A 318 7.96 -21.88 -9.43
N GLN A 319 6.64 -21.74 -9.47
CA GLN A 319 5.97 -21.05 -10.58
C GLN A 319 6.07 -19.54 -10.46
#